data_7EYA
#
_entry.id   7EYA
#
_cell.length_a   1.00
_cell.length_b   1.00
_cell.length_c   1.00
_cell.angle_alpha   90.00
_cell.angle_beta   90.00
_cell.angle_gamma   90.00
#
_symmetry.space_group_name_H-M   'P 1'
#
loop_
_entity.id
_entity.type
_entity.pdbx_description
1 polymer 'Spike glycoprotein'
2 polymer BD-804L
3 polymer BD-804H
4 polymer 'Spike glycoprotein'
5 branched beta-D-mannopyranose-(1-4)-2-acetamido-2-deoxy-beta-D-glucopyranose-(1-4)-2-acetamido-2-deoxy-beta-D-glucopyranose
#
loop_
_entity_poly.entity_id
_entity_poly.type
_entity_poly.pdbx_seq_one_letter_code
_entity_poly.pdbx_strand_id
1 'polypeptide(L)'
;MFVFLVLLPLVSSQCVNFTTRTQLPPAYTNSFTRGVYYPDKVFRSSVLHSTQDLFLPFFSNVTWFHAIHVSGTNGTKRFA
NPVLPFNDGVYFASTEKSNIIRGWIFGTTLDSKTQSLLIVNNATNVVIKVCEFQFCNDPFLGVYYHKNNKSWMESEFRVY
SSANNCTFEYVSQPFLMDLEGKQGNFKNLREFVFKNIDGYFKIYSKHTPINLVRGLPQGFSALEPLVDLPIGINITRFQT
LHRSYLTPGDSSSGWTAGAAAYYVGYLQPRTFLLKYNENGTITDAVDCALDPLSETKCTLKSFTVEKGIYQTSNFRVQPT
ESIVRFPNITNLCPFGEVFNATRFASVYAWNRKRISNCVADYSVLYNSASFSTFKCYGVSPTKLNDLCFTNVYADSFVIR
GDEVRQIAPGQTGNIADYNYKLPDDFTGCVIAWNSNNLDSKVGGNYNYLYRLFRKSNLKPFERDISTEIYQAGSTPCNGV
KGFNCYFPLQSYGFQPTYGVGYQPYRVVVLSFELLHAPATVCGPKKSTNLVKNKCVNFNFNGLTGTGVLTESNKKFLPFQ
QFGRDIADTTDAVRDPQTLEILDITPCSFGGVSVITPGTNTSNQVAVLYQGVNCTEVPVAIHADQLTPTWRVYSTGSNVF
QTRAGCLIGAEHVNNSYECDIPIGAGICASYQTQTNSPGSASSVASQSIIAYTMSLGVENSVAYSNNSIAIPTNFTISVT
TEILPVSMTKTSVDCTMYICGDSTECSNLLLQYGSFCTQLNRALTGIAVEQDKNTQEVFAQVKQIYKTPPIKDFGGFNFS
QILPDPSKPSKRSPIEDLLFNKVTLADAGFIKQYGDCLGDIAARDLICAQKFNGLTVLPPLLTDEMIAQYTSALLAGTIT
SGWTFGAGPALQIPFPMQMAYRFNGIGVTQNVLYENQKLIANQFNSAIGKIQDSLSSTPSALGKLQDVVNQNAQALNTLV
KQLSSNFGAISSVLNDILSRLDPPEAEVQIDRLITGRLQSLQTYVTQQLIRAAEIRASANLAATKMSECVLGQSKRVDFC
GKGYHLMSFPQSAPHGVVFLHVTYVPAQEKNFTTAPAICHDGKAHFPREGVFVSNGTHWFVTQRNFYEPQIITTDNTFVS
GNCDVVIGIVNNTVYDPLQPELDSFKEELDKYFKNHTSPDVDLGDISGINASVVNIQKEIDRLNEVAKNLNESLIDLQEL
GKYEQGSGYIPEAPRDGQAYVRKDGEWVLLSTFLGRSLEVLFQGPGHHHHHHHHSAWSHPQFEKGGGSGGGGSGGSAWSH
PQFEK
;
R
2 'polypeptide(L)'
;VWMTQSPSLLSASTGDRVTVSCRMSQDISSYLAWYQQKPGKAPELLIYAAFTLQSGVPSRFSGSGSGTEFTLTISSLQSE
DFATYYCQQYYSFPHTFGQGTKLERRRTVAAPSVFIFPPSDEQLKSGTASVVCLLNNFYPREAKVQWKVDNALQSGNSQE
SVTEQDSKDSTYSLSSTLTLSKADYEKHKVYACEVTHQGLSSPVTKSFNRGEC
;
L
3 'polypeptide(L)'
;VQLVESGGGLVKPGGSLRLSCAASGFTFSNYDMNWVRQAPGKGLEWVSSISSSSTYTHYADSVKGRFTISRDNAKNSLYL
QMNSLRAEDTAVYYCARDRAYRLGELSSLWGDDAFDIWGQGTMVTVSSASTKGPSVFPLAPSSKSTSGGTAALGCLVKDY
FPEPVTVSWNSGALTSGVHTFPAVLQSSGLYSLSSVVTVPSSSLGTQTYICNVNHKPSNTKVDKKVEPKSCDK
;
H
4 'polypeptide(L)'
;MFVFLVLLPLVSSQCVNFTTRTQLPPAYTNSFTRGVYYPDKVFRSSVLHSTQDLFLPFFSNVTWFHAIHVSGTNGTKRFA
NPVLPFNDGVYFASTEKSNIIRGWIFGTTLDSKTQSLLIVNNATNVVIKVCEFQFCNDPFLGVYYHKNNKSWMESEFRVY
SSANNCTFEYVSQPFLMDLEGKQGNFKNLREFVFKNIDGYFKIYSKHTPINLVRGLPQGFSALEPLVDLPIGINITRFQT
LHRSYLTPGDSSSGWTAGAAAYYVGYLQPRTFLLKYNENGTITDAVD
;
N
#
loop_
_chem_comp.id
_chem_comp.type
_chem_comp.name
_chem_comp.formula
BMA D-saccharide, beta linking beta-D-mannopyranose 'C6 H12 O6'
NAG D-saccharide, beta linking 2-acetamido-2-deoxy-beta-D-glucopyranose 'C8 H15 N O6'
#
# COMPACT_ATOMS: atom_id res chain seq x y z
N ASN A 331 -2.20 -29.15 1.08
CA ASN A 331 -2.52 -27.74 0.83
C ASN A 331 -2.07 -26.86 1.99
N LEU A 332 -0.76 -26.67 2.10
CA LEU A 332 -0.21 -25.87 3.18
C LEU A 332 -0.54 -24.39 3.00
N CYS A 333 -0.70 -23.70 4.12
CA CYS A 333 -1.03 -22.28 4.10
C CYS A 333 0.20 -21.43 3.78
N PRO A 334 0.00 -20.20 3.29
CA PRO A 334 1.13 -19.34 2.95
C PRO A 334 1.80 -18.71 4.16
N PHE A 335 1.55 -19.25 5.36
CA PHE A 335 2.17 -18.77 6.59
C PHE A 335 3.67 -18.55 6.44
N GLY A 336 4.33 -19.41 5.65
CA GLY A 336 5.75 -19.22 5.40
C GLY A 336 6.05 -17.91 4.70
N GLU A 337 5.16 -17.48 3.80
CA GLU A 337 5.36 -16.23 3.09
C GLU A 337 5.09 -15.01 3.96
N VAL A 338 4.11 -15.11 4.86
CA VAL A 338 3.75 -13.95 5.69
C VAL A 338 4.86 -13.63 6.67
N PHE A 339 5.40 -14.65 7.33
CA PHE A 339 6.46 -14.42 8.32
C PHE A 339 7.81 -14.15 7.69
N ASN A 340 8.08 -14.72 6.51
CA ASN A 340 9.35 -14.54 5.83
C ASN A 340 9.24 -13.60 4.64
N ALA A 341 8.37 -12.60 4.71
CA ALA A 341 8.26 -11.62 3.65
C ALA A 341 9.52 -10.77 3.59
N THR A 342 9.82 -10.26 2.40
CA THR A 342 11.06 -9.51 2.20
C THR A 342 11.03 -8.18 2.95
N ARG A 343 9.84 -7.61 3.16
CA ARG A 343 9.71 -6.34 3.84
C ARG A 343 8.31 -6.19 4.40
N PHE A 344 8.20 -5.52 5.54
CA PHE A 344 6.93 -5.27 6.21
C PHE A 344 6.57 -3.79 6.10
N ALA A 345 5.28 -3.52 5.90
CA ALA A 345 4.82 -2.15 5.76
C ALA A 345 4.84 -1.43 7.10
N SER A 346 4.70 -0.10 7.03
CA SER A 346 4.72 0.72 8.22
C SER A 346 3.46 0.50 9.06
N VAL A 347 3.45 1.11 10.24
CA VAL A 347 2.35 0.88 11.19
C VAL A 347 1.05 1.49 10.66
N TYR A 348 1.12 2.71 10.13
CA TYR A 348 -0.09 3.40 9.70
C TYR A 348 -0.68 2.81 8.43
N ALA A 349 0.02 1.89 7.76
CA ALA A 349 -0.45 1.24 6.54
C ALA A 349 -0.22 -0.26 6.61
N TRP A 350 -0.64 -0.87 7.73
CA TRP A 350 -0.37 -2.28 7.96
C TRP A 350 -1.00 -3.15 6.89
N ASN A 351 -0.24 -4.12 6.40
CA ASN A 351 -0.75 -5.06 5.41
C ASN A 351 -1.77 -6.00 6.05
N ARG A 352 -2.73 -6.45 5.26
CA ARG A 352 -3.75 -7.39 5.70
C ARG A 352 -3.95 -8.44 4.63
N LYS A 353 -3.83 -9.72 5.01
CA LYS A 353 -3.95 -10.83 4.07
C LYS A 353 -5.04 -11.77 4.52
N ARG A 354 -5.81 -12.26 3.55
CA ARG A 354 -6.93 -13.17 3.81
C ARG A 354 -6.46 -14.61 3.61
N ILE A 355 -6.75 -15.45 4.60
CA ILE A 355 -6.38 -16.86 4.56
C ILE A 355 -7.66 -17.69 4.67
N SER A 356 -7.88 -18.56 3.70
CA SER A 356 -9.07 -19.42 3.69
C SER A 356 -8.81 -20.61 2.79
N ASN A 357 -9.61 -21.66 2.98
CA ASN A 357 -9.56 -22.87 2.18
C ASN A 357 -8.13 -23.43 2.13
N CYS A 358 -7.65 -23.82 3.31
CA CYS A 358 -6.27 -24.28 3.44
C CYS A 358 -6.15 -25.15 4.69
N VAL A 359 -5.01 -25.81 4.80
CA VAL A 359 -4.67 -26.63 5.95
C VAL A 359 -3.48 -25.97 6.64
N ALA A 360 -3.69 -25.51 7.87
CA ALA A 360 -2.71 -24.72 8.59
C ALA A 360 -1.92 -25.58 9.56
N ASP A 361 -0.60 -25.39 9.59
CA ASP A 361 0.30 -26.07 10.51
C ASP A 361 0.94 -25.04 11.41
N TYR A 362 0.59 -25.06 12.69
CA TYR A 362 1.16 -24.14 13.66
C TYR A 362 2.35 -24.72 14.41
N SER A 363 2.81 -25.91 14.03
CA SER A 363 3.95 -26.52 14.72
C SER A 363 5.21 -25.69 14.55
N VAL A 364 5.48 -25.21 13.34
CA VAL A 364 6.70 -24.45 13.10
C VAL A 364 6.68 -23.09 13.78
N LEU A 365 5.51 -22.55 14.09
CA LEU A 365 5.44 -21.26 14.78
C LEU A 365 5.81 -21.40 16.26
N TYR A 366 5.11 -22.30 16.96
CA TYR A 366 5.34 -22.43 18.40
C TYR A 366 6.69 -23.09 18.69
N ASN A 367 7.10 -24.04 17.86
CA ASN A 367 8.37 -24.74 18.06
C ASN A 367 9.52 -24.03 17.36
N SER A 368 9.69 -22.74 17.66
CA SER A 368 10.77 -21.95 17.11
C SER A 368 11.25 -20.96 18.15
N ALA A 369 12.57 -20.91 18.36
CA ALA A 369 13.15 -20.04 19.38
C ALA A 369 13.35 -18.61 18.89
N SER A 370 13.10 -18.33 17.61
CA SER A 370 13.32 -16.98 17.09
C SER A 370 12.19 -16.03 17.48
N PHE A 371 11.09 -16.55 18.02
CA PHE A 371 9.93 -15.73 18.36
C PHE A 371 10.09 -15.22 19.79
N SER A 372 10.42 -13.93 19.93
CA SER A 372 10.63 -13.35 21.24
C SER A 372 9.34 -13.35 22.06
N THR A 373 8.22 -13.02 21.43
CA THR A 373 6.93 -12.92 22.10
C THR A 373 5.90 -13.73 21.32
N PHE A 374 5.41 -14.81 21.91
CA PHE A 374 4.31 -15.60 21.35
C PHE A 374 3.29 -15.71 22.48
N LYS A 375 2.44 -14.71 22.60
CA LYS A 375 1.48 -14.60 23.68
C LYS A 375 0.15 -14.15 23.10
N CYS A 376 -0.94 -14.81 23.49
CA CYS A 376 -2.23 -14.50 22.90
C CYS A 376 -3.37 -14.85 23.86
N TYR A 377 -4.59 -14.62 23.39
CA TYR A 377 -5.76 -14.49 24.25
C TYR A 377 -6.89 -15.31 23.67
N GLY A 378 -7.52 -16.14 24.52
CA GLY A 378 -8.72 -16.86 24.16
C GLY A 378 -8.48 -18.22 23.53
N VAL A 379 -7.28 -18.49 23.04
CA VAL A 379 -6.93 -19.78 22.46
C VAL A 379 -5.55 -20.17 22.98
N SER A 380 -5.46 -21.32 23.62
CA SER A 380 -4.16 -21.81 24.08
C SER A 380 -3.32 -22.22 22.88
N PRO A 381 -2.02 -21.91 22.89
CA PRO A 381 -1.18 -22.25 21.73
C PRO A 381 -1.14 -23.74 21.41
N THR A 382 -1.20 -24.61 22.42
CA THR A 382 -1.17 -26.04 22.16
C THR A 382 -2.47 -26.53 21.53
N LYS A 383 -3.57 -25.82 21.75
CA LYS A 383 -4.87 -26.20 21.22
C LYS A 383 -5.11 -25.70 19.80
N LEU A 384 -4.13 -24.99 19.22
CA LEU A 384 -4.36 -24.32 17.93
C LEU A 384 -4.63 -25.33 16.82
N ASN A 385 -3.87 -26.43 16.77
CA ASN A 385 -3.95 -27.35 15.65
C ASN A 385 -5.17 -28.27 15.68
N ASP A 386 -5.91 -28.30 16.79
CA ASP A 386 -7.07 -29.17 16.93
C ASP A 386 -8.39 -28.42 16.75
N LEU A 387 -8.40 -27.36 15.95
CA LEU A 387 -9.60 -26.56 15.76
C LEU A 387 -9.75 -26.23 14.27
N CYS A 388 -10.95 -25.72 13.94
CA CYS A 388 -11.26 -25.31 12.58
C CYS A 388 -11.86 -23.90 12.62
N PHE A 389 -11.44 -23.06 11.68
CA PHE A 389 -11.90 -21.69 11.60
C PHE A 389 -12.51 -21.44 10.22
N THR A 390 -13.33 -20.39 10.15
CA THR A 390 -13.93 -19.98 8.89
C THR A 390 -13.09 -18.93 8.16
N ASN A 391 -12.33 -18.12 8.90
CA ASN A 391 -11.48 -17.10 8.30
C ASN A 391 -10.24 -16.89 9.17
N VAL A 392 -9.11 -16.64 8.52
CA VAL A 392 -7.87 -16.30 9.19
C VAL A 392 -7.36 -14.99 8.59
N TYR A 393 -7.17 -13.99 9.45
CA TYR A 393 -6.64 -12.69 9.03
C TYR A 393 -5.27 -12.47 9.66
N ALA A 394 -4.31 -12.09 8.83
CA ALA A 394 -2.94 -11.85 9.27
C ALA A 394 -2.56 -10.41 8.95
N ASP A 395 -2.08 -9.69 9.95
CA ASP A 395 -1.58 -8.33 9.79
C ASP A 395 -0.10 -8.28 10.12
N SER A 396 0.59 -7.27 9.62
CA SER A 396 2.02 -7.13 9.86
C SER A 396 2.43 -5.66 9.81
N PHE A 397 3.37 -5.31 10.68
CA PHE A 397 4.00 -3.99 10.69
C PHE A 397 5.28 -4.09 11.51
N VAL A 398 5.96 -2.96 11.71
CA VAL A 398 7.22 -2.91 12.43
C VAL A 398 7.11 -1.81 13.49
N ILE A 399 7.39 -2.17 14.74
CA ILE A 399 7.30 -1.25 15.87
C ILE A 399 8.57 -1.37 16.70
N ARG A 400 8.71 -0.46 17.66
CA ARG A 400 9.85 -0.48 18.56
C ARG A 400 9.72 -1.63 19.56
N GLY A 401 10.80 -1.87 20.30
CA GLY A 401 10.79 -2.95 21.27
C GLY A 401 9.87 -2.68 22.45
N ASP A 402 9.81 -1.43 22.90
CA ASP A 402 9.03 -1.08 24.08
C ASP A 402 7.54 -0.98 23.80
N GLU A 403 7.13 -0.92 22.53
CA GLU A 403 5.73 -0.77 22.17
C GLU A 403 5.03 -2.11 21.93
N VAL A 404 5.73 -3.23 22.13
CA VAL A 404 5.11 -4.53 21.89
C VAL A 404 3.99 -4.80 22.88
N ARG A 405 4.14 -4.34 24.12
CA ARG A 405 3.08 -4.51 25.11
C ARG A 405 1.79 -3.80 24.71
N GLN A 406 1.87 -2.83 23.79
CA GLN A 406 0.71 -2.06 23.39
C GLN A 406 -0.16 -2.80 22.38
N ILE A 407 0.36 -3.86 21.77
CA ILE A 407 -0.44 -4.65 20.81
C ILE A 407 -1.13 -5.72 21.63
N ALA A 408 -2.27 -5.33 22.22
CA ALA A 408 -3.04 -6.20 23.09
C ALA A 408 -4.41 -5.56 23.34
N PRO A 409 -5.47 -6.35 23.51
CA PRO A 409 -6.78 -5.77 23.78
C PRO A 409 -6.80 -5.02 25.11
N GLY A 410 -7.62 -3.96 25.15
CA GLY A 410 -7.76 -3.17 26.36
C GLY A 410 -6.49 -2.47 26.79
N GLN A 411 -5.78 -1.86 25.85
CA GLN A 411 -4.56 -1.13 26.12
C GLN A 411 -4.67 0.29 25.60
N THR A 412 -4.07 1.23 26.32
CA THR A 412 -4.12 2.65 25.99
C THR A 412 -2.70 3.16 25.76
N GLY A 413 -2.52 3.91 24.68
CA GLY A 413 -1.21 4.47 24.36
C GLY A 413 -1.23 5.16 23.03
N ASN A 414 -0.03 5.57 22.59
CA ASN A 414 0.09 6.29 21.33
C ASN A 414 -0.33 5.43 20.14
N ILE A 415 0.24 4.22 20.04
CA ILE A 415 -0.02 3.38 18.87
C ILE A 415 -1.44 2.82 18.91
N ALA A 416 -1.91 2.43 20.10
CA ALA A 416 -3.23 1.82 20.20
C ALA A 416 -4.34 2.83 19.89
N ASP A 417 -4.20 4.06 20.39
CA ASP A 417 -5.24 5.06 20.18
C ASP A 417 -5.19 5.66 18.78
N TYR A 418 -4.02 5.67 18.14
CA TYR A 418 -3.84 6.42 16.91
C TYR A 418 -3.47 5.58 15.70
N ASN A 419 -2.89 4.40 15.88
CA ASN A 419 -2.39 3.62 14.75
C ASN A 419 -3.11 2.30 14.56
N TYR A 420 -3.15 1.44 15.57
CA TYR A 420 -3.66 0.09 15.42
C TYR A 420 -4.38 -0.30 16.71
N LYS A 421 -5.69 -0.50 16.63
CA LYS A 421 -6.51 -0.80 17.79
C LYS A 421 -7.21 -2.14 17.58
N LEU A 422 -7.19 -2.98 18.61
CA LEU A 422 -7.85 -4.28 18.60
C LEU A 422 -9.14 -4.24 19.42
N PRO A 423 -10.15 -5.01 19.04
CA PRO A 423 -11.36 -5.09 19.86
C PRO A 423 -11.08 -5.81 21.17
N ASP A 424 -11.91 -5.51 22.17
CA ASP A 424 -11.72 -6.12 23.49
C ASP A 424 -11.91 -7.62 23.43
N ASP A 425 -12.89 -8.10 22.68
CA ASP A 425 -13.12 -9.54 22.51
C ASP A 425 -12.29 -10.11 21.36
N PHE A 426 -10.98 -9.87 21.41
CA PHE A 426 -10.10 -10.34 20.36
C PHE A 426 -9.77 -11.82 20.55
N THR A 427 -9.77 -12.58 19.45
CA THR A 427 -9.48 -14.00 19.47
C THR A 427 -8.45 -14.28 18.37
N GLY A 428 -7.18 -14.18 18.72
CA GLY A 428 -6.11 -14.41 17.77
C GLY A 428 -4.78 -14.25 18.47
N CYS A 429 -3.73 -14.72 17.80
CA CYS A 429 -2.42 -14.79 18.42
C CYS A 429 -1.44 -13.80 17.81
N VAL A 430 -0.72 -13.09 18.69
CA VAL A 430 0.18 -12.01 18.32
C VAL A 430 1.61 -12.54 18.40
N ILE A 431 2.38 -12.32 17.34
CA ILE A 431 3.75 -12.79 17.24
C ILE A 431 4.66 -11.60 16.93
N ALA A 432 5.76 -11.48 17.67
CA ALA A 432 6.72 -10.41 17.45
C ALA A 432 8.11 -10.91 17.78
N TRP A 433 9.12 -10.33 17.12
CA TRP A 433 10.50 -10.70 17.36
C TRP A 433 11.41 -9.58 16.90
N ASN A 434 12.67 -9.65 17.32
CA ASN A 434 13.64 -8.62 16.99
C ASN A 434 14.11 -8.76 15.54
N SER A 435 14.28 -7.62 14.87
CA SER A 435 14.79 -7.56 13.51
C SER A 435 15.77 -6.42 13.35
N ASN A 436 16.66 -6.25 14.34
CA ASN A 436 17.64 -5.18 14.29
C ASN A 436 18.59 -5.36 13.12
N ASN A 437 19.03 -6.60 12.87
CA ASN A 437 20.00 -6.86 11.81
C ASN A 437 19.42 -6.62 10.43
N LEU A 438 18.10 -6.57 10.29
CA LEU A 438 17.45 -6.43 8.99
C LEU A 438 16.88 -5.05 8.76
N ASP A 439 16.04 -4.55 9.67
CA ASP A 439 15.28 -3.33 9.44
C ASP A 439 16.02 -2.07 9.88
N SER A 440 17.18 -2.19 10.51
CA SER A 440 17.91 -1.04 11.02
C SER A 440 19.22 -0.87 10.26
N LYS A 441 19.52 0.37 9.88
CA LYS A 441 20.72 0.69 9.13
C LYS A 441 21.40 1.91 9.75
N VAL A 442 22.72 1.97 9.64
CA VAL A 442 23.48 3.07 10.21
C VAL A 442 23.16 4.35 9.46
N GLY A 443 22.81 5.40 10.20
CA GLY A 443 22.39 6.65 9.62
C GLY A 443 20.90 6.90 9.64
N GLY A 444 20.09 5.88 9.95
CA GLY A 444 18.66 6.05 10.06
C GLY A 444 17.86 5.44 8.94
N ASN A 445 17.00 4.47 9.28
CA ASN A 445 16.08 3.86 8.31
C ASN A 445 14.77 4.63 8.39
N TYR A 446 14.69 5.74 7.67
CA TYR A 446 13.56 6.64 7.74
C TYR A 446 12.36 6.18 6.91
N ASN A 447 12.32 4.92 6.49
CA ASN A 447 11.22 4.39 5.72
C ASN A 447 10.07 3.87 6.59
N TYR A 448 10.22 3.93 7.91
CA TYR A 448 9.20 3.47 8.85
C TYR A 448 8.58 4.67 9.55
N LEU A 449 7.25 4.72 9.58
CA LEU A 449 6.52 5.88 10.07
C LEU A 449 5.44 5.45 11.06
N TYR A 450 4.81 6.44 11.67
CA TYR A 450 3.66 6.19 12.53
C TYR A 450 2.85 7.49 12.63
N ARG A 451 1.55 7.33 12.86
CA ARG A 451 0.64 8.46 12.99
C ARG A 451 0.64 8.97 14.43
N LEU A 452 0.69 10.28 14.58
CA LEU A 452 0.80 10.89 15.90
C LEU A 452 -0.36 11.82 16.24
N PHE A 453 -0.93 12.51 15.24
CA PHE A 453 -2.05 13.42 15.46
C PHE A 453 -3.31 12.88 14.79
N ARG A 454 -4.43 12.96 15.51
CA ARG A 454 -5.73 12.67 14.93
C ARG A 454 -6.80 13.34 15.78
N LYS A 455 -7.95 13.57 15.15
CA LYS A 455 -9.07 14.21 15.85
C LYS A 455 -9.65 13.31 16.92
N SER A 456 -9.81 12.02 16.61
CA SER A 456 -10.42 11.07 17.54
C SER A 456 -9.70 9.73 17.43
N ASN A 457 -10.02 8.85 18.37
CA ASN A 457 -9.42 7.53 18.38
C ASN A 457 -9.99 6.67 17.25
N LEU A 458 -9.32 5.54 17.00
CA LEU A 458 -9.66 4.68 15.89
C LEU A 458 -10.54 3.51 16.33
N LYS A 459 -11.49 3.15 15.47
CA LYS A 459 -12.28 1.95 15.70
C LYS A 459 -11.42 0.72 15.48
N PRO A 460 -11.79 -0.42 16.09
CA PRO A 460 -10.98 -1.63 15.93
C PRO A 460 -10.90 -2.06 14.47
N PHE A 461 -9.71 -2.53 14.08
CA PHE A 461 -9.44 -3.01 12.72
C PHE A 461 -9.80 -1.96 11.67
N GLU A 462 -9.47 -0.70 11.98
CA GLU A 462 -9.71 0.41 11.08
C GLU A 462 -8.44 1.22 10.93
N ARG A 463 -8.05 1.52 9.70
CA ARG A 463 -6.84 2.26 9.41
C ARG A 463 -7.13 3.38 8.42
N ASP A 464 -6.36 4.46 8.53
CA ASP A 464 -6.48 5.61 7.64
C ASP A 464 -5.10 6.03 7.17
N ILE A 465 -4.86 5.95 5.87
CA ILE A 465 -3.59 6.35 5.28
C ILE A 465 -3.58 7.82 4.86
N SER A 466 -4.61 8.58 5.25
CA SER A 466 -4.68 9.99 4.89
C SER A 466 -3.56 10.76 5.59
N THR A 467 -2.86 11.59 4.82
CA THR A 467 -1.73 12.36 5.33
C THR A 467 -1.98 13.87 5.25
N GLU A 468 -3.23 14.30 5.38
CA GLU A 468 -3.53 15.72 5.37
C GLU A 468 -2.91 16.40 6.59
N ILE A 469 -2.57 17.68 6.42
CA ILE A 469 -1.92 18.42 7.50
C ILE A 469 -2.89 18.56 8.67
N TYR A 470 -2.37 18.34 9.88
CA TYR A 470 -3.23 18.33 11.06
C TYR A 470 -3.59 19.75 11.48
N GLN A 471 -4.83 19.91 11.94
CA GLN A 471 -5.32 21.18 12.47
C GLN A 471 -5.35 21.07 13.99
N ALA A 472 -4.53 21.90 14.66
CA ALA A 472 -4.43 21.87 16.11
C ALA A 472 -4.82 23.19 16.76
N GLY A 473 -4.82 24.30 16.02
CA GLY A 473 -5.20 25.58 16.57
C GLY A 473 -6.54 26.07 16.08
N SER A 474 -6.77 27.37 16.15
CA SER A 474 -8.03 27.95 15.69
C SER A 474 -8.00 28.30 14.20
N THR A 475 -6.90 28.90 13.74
CA THR A 475 -6.80 29.28 12.34
C THR A 475 -6.64 28.04 11.46
N PRO A 476 -7.36 27.94 10.35
CA PRO A 476 -7.16 26.80 9.45
C PRO A 476 -5.73 26.79 8.90
N CYS A 477 -5.18 25.58 8.75
CA CYS A 477 -3.80 25.44 8.32
C CYS A 477 -3.64 25.78 6.85
N ASN A 478 -4.55 25.31 6.00
CA ASN A 478 -4.48 25.50 4.55
C ASN A 478 -3.20 24.93 3.95
N GLY A 479 -2.68 23.85 4.55
CA GLY A 479 -1.58 23.12 3.96
C GLY A 479 -0.20 23.73 4.14
N VAL A 480 0.01 24.56 5.16
CA VAL A 480 1.32 25.12 5.46
C VAL A 480 1.70 24.73 6.88
N LYS A 481 2.91 24.21 7.05
CA LYS A 481 3.39 23.82 8.37
C LYS A 481 3.82 25.05 9.17
N GLY A 482 3.51 25.03 10.46
CA GLY A 482 3.83 26.16 11.31
C GLY A 482 3.15 26.02 12.66
N PHE A 483 2.59 27.14 13.12
CA PHE A 483 1.92 27.18 14.42
C PHE A 483 0.72 26.25 14.43
N ASN A 484 0.79 25.21 15.26
CA ASN A 484 -0.30 24.25 15.44
C ASN A 484 -0.70 23.59 14.13
N CYS A 485 0.26 23.38 13.24
CA CYS A 485 0.02 22.74 11.95
C CYS A 485 1.10 21.70 11.69
N TYR A 486 1.38 20.87 12.69
CA TYR A 486 2.45 19.90 12.59
C TYR A 486 2.09 18.77 11.62
N PHE A 487 3.12 18.11 11.12
CA PHE A 487 2.91 16.98 10.22
C PHE A 487 2.45 15.77 11.03
N PRO A 488 1.41 15.06 10.59
CA PRO A 488 0.87 13.95 11.39
C PRO A 488 1.74 12.71 11.45
N LEU A 489 2.82 12.65 10.67
CA LEU A 489 3.67 11.46 10.63
C LEU A 489 5.08 11.79 11.08
N GLN A 490 5.72 10.82 11.74
CA GLN A 490 7.08 10.96 12.22
C GLN A 490 7.83 9.65 11.99
N SER A 491 9.14 9.74 11.86
CA SER A 491 9.98 8.59 11.56
C SER A 491 10.59 8.02 12.83
N TYR A 492 10.59 6.68 12.94
CA TYR A 492 11.34 6.03 14.01
C TYR A 492 12.84 6.27 13.87
N GLY A 493 13.37 6.07 12.67
CA GLY A 493 14.78 6.28 12.43
C GLY A 493 15.67 5.28 13.15
N PHE A 494 15.61 4.01 12.74
CA PHE A 494 16.38 2.97 13.39
C PHE A 494 17.86 3.08 13.04
N GLN A 495 18.71 2.96 14.06
CA GLN A 495 20.13 2.72 13.90
C GLN A 495 20.56 1.64 14.89
N PRO A 496 21.62 0.89 14.58
CA PRO A 496 22.05 -0.19 15.49
C PRO A 496 22.72 0.30 16.76
N THR A 497 22.69 1.61 17.05
CA THR A 497 23.32 2.15 18.25
C THR A 497 22.40 2.13 19.46
N TYR A 498 21.08 2.26 19.25
CA TYR A 498 20.14 2.29 20.36
C TYR A 498 20.19 0.99 21.15
N GLY A 499 19.59 1.02 22.34
CA GLY A 499 19.41 -0.17 23.15
C GLY A 499 18.23 -1.00 22.68
N VAL A 500 17.96 -2.06 23.43
CA VAL A 500 16.89 -2.98 23.08
C VAL A 500 15.54 -2.28 23.08
N GLY A 501 15.40 -1.20 23.87
CA GLY A 501 14.13 -0.52 23.96
C GLY A 501 13.68 0.10 22.66
N TYR A 502 14.62 0.59 21.86
CA TYR A 502 14.32 1.25 20.60
C TYR A 502 14.60 0.38 19.38
N GLN A 503 15.05 -0.86 19.57
CA GLN A 503 15.40 -1.70 18.44
C GLN A 503 14.13 -2.16 17.69
N PRO A 504 14.17 -2.17 16.35
CA PRO A 504 12.97 -2.54 15.56
C PRO A 504 12.48 -3.96 15.84
N TYR A 505 11.17 -4.10 15.93
CA TYR A 505 10.53 -5.40 16.09
C TYR A 505 9.50 -5.58 14.98
N ARG A 506 9.41 -6.79 14.45
CA ARG A 506 8.41 -7.13 13.44
C ARG A 506 7.26 -7.89 14.09
N VAL A 507 6.04 -7.41 13.90
CA VAL A 507 4.87 -7.92 14.60
C VAL A 507 3.90 -8.54 13.60
N VAL A 508 3.43 -9.74 13.91
CA VAL A 508 2.39 -10.41 13.13
C VAL A 508 1.23 -10.68 14.08
N VAL A 509 0.03 -10.23 13.68
CA VAL A 509 -1.15 -10.32 14.52
C VAL A 509 -2.18 -11.17 13.78
N LEU A 510 -2.22 -12.47 14.10
CA LEU A 510 -3.23 -13.36 13.56
C LEU A 510 -4.54 -13.18 14.32
N SER A 511 -5.65 -13.42 13.63
CA SER A 511 -6.97 -13.36 14.24
C SER A 511 -7.83 -14.50 13.70
N PHE A 512 -8.73 -15.00 14.54
CA PHE A 512 -9.63 -16.08 14.17
C PHE A 512 -11.07 -15.66 14.44
N GLU A 513 -11.99 -16.29 13.71
CA GLU A 513 -13.42 -16.09 13.93
C GLU A 513 -14.22 -17.19 13.25
N VAL B 1 7.14 -1.82 -12.24
CA VAL B 1 6.83 -0.48 -11.77
C VAL B 1 7.28 0.57 -12.79
N TRP B 2 6.36 1.46 -13.14
CA TRP B 2 6.62 2.52 -14.11
C TRP B 2 6.18 3.86 -13.52
N MET B 3 7.06 4.84 -13.56
CA MET B 3 6.80 6.13 -12.95
C MET B 3 6.01 7.02 -13.90
N THR B 4 5.21 7.93 -13.34
CA THR B 4 4.40 8.82 -14.16
C THR B 4 4.11 10.10 -13.38
N GLN B 5 4.84 11.16 -13.70
CA GLN B 5 4.43 12.49 -13.29
C GLN B 5 3.51 13.08 -14.34
N SER B 6 2.54 13.87 -13.89
CA SER B 6 1.74 14.53 -14.92
C SER B 6 1.62 16.04 -14.76
N PRO B 7 2.69 16.74 -14.36
CA PRO B 7 2.96 18.05 -14.97
C PRO B 7 4.03 17.90 -16.04
N SER B 8 4.05 18.77 -17.05
CA SER B 8 5.14 18.75 -18.01
C SER B 8 5.65 20.14 -18.37
N LEU B 9 4.89 21.19 -18.09
CA LEU B 9 5.32 22.56 -18.36
C LEU B 9 4.86 23.54 -17.31
N LEU B 10 4.29 23.08 -16.20
CA LEU B 10 3.73 23.92 -15.14
C LEU B 10 4.66 25.05 -14.75
N SER B 11 4.18 26.29 -14.90
CA SER B 11 4.95 27.47 -14.52
C SER B 11 4.01 28.47 -13.87
N ALA B 12 4.46 29.06 -12.76
CA ALA B 12 3.65 30.02 -12.03
C ALA B 12 4.41 31.32 -11.78
N SER B 13 3.84 32.21 -10.99
CA SER B 13 4.45 33.49 -10.67
C SER B 13 5.40 33.32 -9.48
N THR B 14 5.92 34.45 -8.98
CA THR B 14 6.83 34.44 -7.84
C THR B 14 6.01 34.39 -6.56
N GLY B 15 5.80 33.17 -6.06
CA GLY B 15 5.03 32.96 -4.86
C GLY B 15 3.67 32.38 -5.12
N ASP B 16 3.54 31.06 -4.93
CA ASP B 16 2.29 30.35 -5.16
C ASP B 16 2.34 29.04 -4.37
N ARG B 17 1.39 28.15 -4.65
CA ARG B 17 1.35 26.81 -4.04
C ARG B 17 1.13 25.82 -5.17
N VAL B 18 2.23 25.33 -5.75
CA VAL B 18 2.16 24.37 -6.84
C VAL B 18 2.19 22.96 -6.28
N THR B 19 1.60 22.03 -7.02
CA THR B 19 1.51 20.63 -6.60
C THR B 19 1.88 19.76 -7.80
N VAL B 20 3.04 19.12 -7.73
CA VAL B 20 3.48 18.20 -8.78
C VAL B 20 3.15 16.78 -8.32
N SER B 21 2.23 16.14 -9.04
CA SER B 21 1.84 14.78 -8.70
C SER B 21 2.80 13.77 -9.31
N CYS B 22 2.73 12.54 -8.81
CA CYS B 22 3.58 11.47 -9.34
C CYS B 22 2.80 10.16 -9.24
N ARG B 23 2.10 9.82 -10.31
CA ARG B 23 1.33 8.59 -10.38
C ARG B 23 2.27 7.40 -10.55
N MET B 24 1.83 6.23 -10.10
CA MET B 24 2.65 5.03 -10.15
C MET B 24 1.80 3.87 -10.67
N SER B 25 2.36 2.67 -10.57
CA SER B 25 1.70 1.45 -11.02
C SER B 25 1.40 0.49 -9.87
N GLN B 26 2.41 0.19 -9.04
CA GLN B 26 2.26 -0.71 -7.91
C GLN B 26 2.22 0.10 -6.62
N ASP B 27 2.17 -0.62 -5.49
CA ASP B 27 2.19 -0.01 -4.16
C ASP B 27 3.56 -0.21 -3.54
N ILE B 28 4.22 0.89 -3.18
CA ILE B 28 5.57 0.86 -2.63
C ILE B 28 5.64 1.44 -1.23
N SER B 29 4.50 1.77 -0.64
CA SER B 29 4.42 2.37 0.71
C SER B 29 5.19 3.68 0.68
N SER B 30 6.32 3.81 1.38
CA SER B 30 7.01 5.09 1.48
C SER B 30 8.45 5.00 0.95
N TYR B 31 8.63 4.40 -0.23
CA TYR B 31 9.95 4.20 -0.81
C TYR B 31 10.15 5.06 -2.06
N LEU B 32 9.71 6.31 -2.01
CA LEU B 32 9.83 7.23 -3.13
C LEU B 32 10.55 8.50 -2.69
N ALA B 33 11.43 8.99 -3.55
CA ALA B 33 12.24 10.17 -3.28
C ALA B 33 11.92 11.28 -4.27
N TRP B 34 12.58 12.42 -4.10
CA TRP B 34 12.37 13.60 -4.93
C TRP B 34 13.71 14.28 -5.15
N TYR B 35 13.88 14.86 -6.34
CA TYR B 35 15.14 15.48 -6.71
C TYR B 35 14.89 16.89 -7.26
N GLN B 36 15.98 17.63 -7.44
CA GLN B 36 15.90 18.98 -7.97
C GLN B 36 17.21 19.26 -8.70
N GLN B 37 17.15 19.31 -10.03
CA GLN B 37 18.33 19.50 -10.87
C GLN B 37 18.26 20.85 -11.56
N LYS B 38 19.15 21.76 -11.19
CA LYS B 38 19.29 23.00 -11.91
C LYS B 38 20.04 22.76 -13.22
N PRO B 39 19.86 23.63 -14.22
CA PRO B 39 20.51 23.43 -15.51
C PRO B 39 22.02 23.30 -15.39
N GLY B 40 22.58 22.32 -16.11
CA GLY B 40 24.02 22.16 -16.20
C GLY B 40 24.70 21.81 -14.89
N LYS B 41 23.98 21.20 -13.95
CA LYS B 41 24.54 20.82 -12.66
C LYS B 41 24.00 19.46 -12.25
N ALA B 42 24.74 18.80 -11.38
CA ALA B 42 24.30 17.52 -10.85
C ALA B 42 23.08 17.71 -9.95
N PRO B 43 22.18 16.72 -9.91
CA PRO B 43 20.99 16.85 -9.06
C PRO B 43 21.36 16.90 -7.59
N GLU B 44 20.53 17.59 -6.81
CA GLU B 44 20.70 17.70 -5.37
C GLU B 44 19.56 16.95 -4.69
N LEU B 45 19.91 16.22 -3.62
CA LEU B 45 18.93 15.37 -2.95
C LEU B 45 17.85 16.24 -2.32
N LEU B 46 16.60 15.83 -2.47
CA LEU B 46 15.46 16.57 -1.94
C LEU B 46 14.69 15.55 -1.10
N ILE B 47 13.43 15.85 -0.76
CA ILE B 47 12.62 14.97 0.08
C ILE B 47 12.79 13.52 -0.32
N TYR B 48 13.15 12.68 0.65
CA TYR B 48 13.34 11.25 0.46
C TYR B 48 12.51 10.49 1.47
N ALA B 49 12.19 9.24 1.13
CA ALA B 49 11.19 8.43 1.82
C ALA B 49 9.82 9.07 1.79
N ALA B 50 9.62 10.08 0.92
CA ALA B 50 8.35 10.74 0.65
C ALA B 50 7.87 11.61 1.81
N PHE B 51 8.58 11.55 2.94
CA PHE B 51 8.15 12.32 4.11
C PHE B 51 9.28 13.02 4.86
N THR B 52 10.54 12.68 4.63
CA THR B 52 11.66 13.28 5.35
C THR B 52 12.21 14.46 4.55
N LEU B 53 12.92 15.35 5.24
CA LEU B 53 13.54 16.52 4.63
C LEU B 53 15.04 16.42 4.77
N GLN B 54 15.76 16.48 3.65
CA GLN B 54 17.22 16.45 3.68
C GLN B 54 17.75 17.65 4.44
N SER B 55 18.78 17.43 5.25
CA SER B 55 19.33 18.50 6.08
C SER B 55 19.87 19.63 5.20
N GLY B 56 19.37 20.84 5.44
CA GLY B 56 19.79 22.04 4.71
C GLY B 56 18.69 22.72 3.96
N VAL B 57 17.71 21.97 3.46
CA VAL B 57 16.62 22.56 2.68
C VAL B 57 15.67 23.29 3.63
N PRO B 58 15.10 24.43 3.23
CA PRO B 58 14.09 25.09 4.07
C PRO B 58 12.82 24.26 4.17
N SER B 59 11.94 24.71 5.07
CA SER B 59 10.71 23.99 5.37
C SER B 59 9.58 24.27 4.38
N ARG B 60 9.81 25.14 3.40
CA ARG B 60 8.76 25.42 2.41
C ARG B 60 8.49 24.24 1.50
N PHE B 61 9.41 23.27 1.44
CA PHE B 61 9.22 22.07 0.64
C PHE B 61 8.61 20.98 1.50
N SER B 62 7.55 20.35 0.99
CA SER B 62 6.83 19.32 1.72
C SER B 62 6.57 18.14 0.79
N GLY B 63 6.37 16.97 1.40
CA GLY B 63 6.01 15.78 0.67
C GLY B 63 4.86 15.05 1.34
N SER B 64 3.80 14.75 0.59
CA SER B 64 2.60 14.17 1.16
C SER B 64 2.15 13.03 0.25
N GLY B 65 0.96 12.51 0.52
CA GLY B 65 0.41 11.40 -0.22
C GLY B 65 0.98 10.07 0.22
N SER B 66 0.19 9.02 0.00
CA SER B 66 0.60 7.67 0.36
C SER B 66 -0.10 6.68 -0.57
N GLY B 67 0.48 5.50 -0.67
CA GLY B 67 -0.04 4.46 -1.55
C GLY B 67 0.61 4.53 -2.93
N THR B 68 -0.19 4.82 -3.96
CA THR B 68 0.29 4.94 -5.32
C THR B 68 0.21 6.37 -5.83
N GLU B 69 0.21 7.34 -4.93
CA GLU B 69 0.18 8.75 -5.29
C GLU B 69 1.10 9.53 -4.37
N PHE B 70 1.87 10.46 -4.94
CA PHE B 70 2.79 11.27 -4.17
C PHE B 70 2.88 12.65 -4.80
N THR B 71 2.82 13.69 -3.97
CA THR B 71 2.84 15.07 -4.43
C THR B 71 3.87 15.85 -3.63
N LEU B 72 4.51 16.80 -4.30
CA LEU B 72 5.45 17.73 -3.68
C LEU B 72 4.84 19.13 -3.73
N THR B 73 4.69 19.75 -2.58
CA THR B 73 4.02 21.04 -2.45
C THR B 73 5.04 22.08 -2.01
N ILE B 74 5.12 23.18 -2.77
CA ILE B 74 6.00 24.30 -2.43
C ILE B 74 5.17 25.39 -1.79
N SER B 75 5.57 25.81 -0.59
CA SER B 75 4.79 26.79 0.15
C SER B 75 4.76 28.15 -0.57
N SER B 76 5.90 28.59 -1.09
CA SER B 76 5.98 29.89 -1.75
C SER B 76 7.13 29.85 -2.75
N LEU B 77 6.80 29.93 -4.03
CA LEU B 77 7.83 29.93 -5.07
C LEU B 77 8.74 31.15 -4.94
N GLN B 78 10.03 30.92 -5.02
CA GLN B 78 11.03 31.97 -5.00
C GLN B 78 11.96 31.83 -6.21
N SER B 79 12.90 32.77 -6.34
CA SER B 79 13.83 32.73 -7.46
C SER B 79 14.74 31.50 -7.40
N GLU B 80 14.97 30.96 -6.20
CA GLU B 80 15.83 29.79 -6.08
C GLU B 80 15.14 28.52 -6.55
N ASP B 81 13.81 28.46 -6.44
CA ASP B 81 13.06 27.25 -6.73
C ASP B 81 12.51 27.31 -8.16
N PHE B 82 13.42 27.17 -9.12
CA PHE B 82 13.07 27.11 -10.53
C PHE B 82 14.01 26.12 -11.20
N ALA B 83 13.58 24.86 -11.28
CA ALA B 83 14.37 23.78 -11.87
C ALA B 83 13.43 22.60 -12.08
N THR B 84 14.00 21.47 -12.49
CA THR B 84 13.24 20.25 -12.69
C THR B 84 13.15 19.45 -11.40
N TYR B 85 12.12 18.63 -11.28
CA TYR B 85 11.90 17.80 -10.11
C TYR B 85 11.53 16.39 -10.56
N TYR B 86 12.32 15.41 -10.14
CA TYR B 86 12.16 14.03 -10.58
C TYR B 86 11.64 13.15 -9.45
N CYS B 87 11.10 12.00 -9.85
CA CYS B 87 10.71 10.95 -8.92
C CYS B 87 11.71 9.80 -9.02
N GLN B 88 11.74 8.96 -7.97
CA GLN B 88 12.59 7.77 -7.99
C GLN B 88 12.06 6.78 -6.96
N GLN B 89 11.61 5.63 -7.43
CA GLN B 89 11.26 4.51 -6.56
C GLN B 89 12.45 3.58 -6.43
N TYR B 90 12.54 2.89 -5.28
CA TYR B 90 13.54 1.85 -5.08
C TYR B 90 12.94 0.65 -4.36
N TYR B 91 11.75 0.23 -4.79
CA TYR B 91 11.11 -0.95 -4.22
C TYR B 91 11.73 -2.23 -4.81
N SER B 92 11.58 -2.42 -6.11
CA SER B 92 12.21 -3.54 -6.81
C SER B 92 13.62 -3.13 -7.21
N PHE B 93 14.26 -3.89 -8.10
CA PHE B 93 15.58 -3.42 -8.49
C PHE B 93 15.72 -3.20 -10.00
N PRO B 94 14.70 -2.67 -10.68
CA PRO B 94 14.95 -1.60 -11.65
C PRO B 94 14.67 -0.27 -10.99
N HIS B 95 15.49 0.75 -11.22
CA HIS B 95 15.27 2.05 -10.59
C HIS B 95 14.71 3.00 -11.65
N THR B 96 13.39 3.08 -11.69
CA THR B 96 12.70 3.90 -12.70
C THR B 96 12.61 5.33 -12.21
N PHE B 97 13.26 6.24 -12.92
CA PHE B 97 13.21 7.66 -12.58
C PHE B 97 11.92 8.26 -13.13
N GLY B 98 11.81 9.58 -13.08
CA GLY B 98 10.65 10.29 -13.57
C GLY B 98 10.83 10.76 -14.99
N GLN B 99 10.11 11.83 -15.34
CA GLN B 99 10.17 12.41 -16.68
C GLN B 99 10.66 13.85 -16.66
N GLY B 100 10.21 14.66 -15.70
CA GLY B 100 10.64 16.03 -15.61
C GLY B 100 9.51 17.02 -15.43
N THR B 101 9.73 18.02 -14.58
CA THR B 101 8.76 19.08 -14.33
C THR B 101 9.49 20.41 -14.34
N LYS B 102 9.37 21.16 -15.44
CA LYS B 102 10.06 22.42 -15.61
C LYS B 102 9.18 23.55 -15.08
N LEU B 103 9.59 24.14 -13.96
CA LEU B 103 8.84 25.26 -13.38
C LEU B 103 9.15 26.55 -14.12
N VAL C 1 33.95 13.41 1.51
CA VAL C 1 32.64 13.23 0.88
C VAL C 1 32.56 14.05 -0.41
N GLN C 2 33.64 14.08 -1.16
CA GLN C 2 33.70 14.78 -2.45
C GLN C 2 33.99 13.74 -3.53
N LEU C 3 33.06 13.56 -4.44
CA LEU C 3 33.20 12.55 -5.50
C LEU C 3 33.75 13.20 -6.76
N VAL C 4 34.81 12.62 -7.31
CA VAL C 4 35.45 13.11 -8.53
C VAL C 4 35.52 11.96 -9.53
N GLU C 5 35.34 12.28 -10.81
CA GLU C 5 35.31 11.29 -11.87
C GLU C 5 36.29 11.66 -12.98
N SER C 6 36.63 10.67 -13.79
CA SER C 6 37.56 10.86 -14.89
C SER C 6 37.33 9.76 -15.91
N GLY C 7 37.96 9.92 -17.07
CA GLY C 7 37.83 8.98 -18.15
C GLY C 7 36.84 9.42 -19.22
N GLY C 8 36.43 8.45 -20.03
CA GLY C 8 35.50 8.74 -21.10
C GLY C 8 36.12 9.63 -22.17
N GLY C 9 35.26 10.39 -22.85
CA GLY C 9 35.71 11.29 -23.90
C GLY C 9 35.41 10.77 -25.29
N LEU C 10 36.20 11.21 -26.27
CA LEU C 10 35.99 10.80 -27.65
C LEU C 10 36.39 9.34 -27.81
N VAL C 11 35.51 8.56 -28.44
CA VAL C 11 35.76 7.13 -28.66
C VAL C 11 35.01 6.70 -29.91
N LYS C 12 35.61 5.79 -30.66
CA LYS C 12 34.98 5.25 -31.86
C LYS C 12 33.85 4.29 -31.47
N PRO C 13 32.83 4.16 -32.31
CA PRO C 13 31.77 3.19 -32.04
C PRO C 13 32.33 1.78 -31.96
N GLY C 14 31.80 1.00 -31.03
CA GLY C 14 32.28 -0.36 -30.81
C GLY C 14 33.52 -0.47 -29.97
N GLY C 15 34.07 0.65 -29.48
CA GLY C 15 35.27 0.62 -28.68
C GLY C 15 34.97 0.29 -27.23
N SER C 16 36.01 0.47 -26.40
CA SER C 16 35.90 0.18 -24.98
C SER C 16 36.54 1.30 -24.17
N LEU C 17 35.91 1.65 -23.06
CA LEU C 17 36.44 2.66 -22.15
C LEU C 17 36.15 2.22 -20.71
N ARG C 18 36.96 2.73 -19.79
CA ARG C 18 36.79 2.45 -18.37
C ARG C 18 36.79 3.76 -17.60
N LEU C 19 35.80 3.94 -16.73
CA LEU C 19 35.64 5.16 -15.96
C LEU C 19 36.16 4.97 -14.53
N SER C 20 36.36 6.09 -13.85
CA SER C 20 36.85 6.10 -12.48
C SER C 20 35.99 7.03 -11.63
N CYS C 21 35.62 6.57 -10.43
CA CYS C 21 34.89 7.35 -9.46
C CYS C 21 35.58 7.18 -8.11
N ALA C 22 36.25 8.23 -7.64
CA ALA C 22 37.10 8.15 -6.46
C ALA C 22 36.43 8.78 -5.24
N ALA C 23 36.76 8.25 -4.08
CA ALA C 23 36.28 8.77 -2.80
C ALA C 23 37.37 9.58 -2.13
N SER C 24 36.97 10.69 -1.50
CA SER C 24 37.91 11.68 -0.98
C SER C 24 37.51 12.10 0.43
N GLY C 25 37.29 11.13 1.32
CA GLY C 25 37.02 11.48 2.71
C GLY C 25 35.97 10.69 3.46
N PHE C 26 35.43 9.63 2.86
CA PHE C 26 34.49 8.79 3.60
C PHE C 26 34.90 7.33 3.54
N THR C 27 34.02 6.44 4.01
CA THR C 27 34.32 5.02 4.20
C THR C 27 33.83 4.19 3.03
N PHE C 28 34.02 4.69 1.81
CA PHE C 28 33.59 4.07 0.56
C PHE C 28 33.63 2.55 0.56
N SER C 29 34.68 1.97 1.14
CA SER C 29 34.89 0.53 1.09
C SER C 29 33.72 -0.26 1.68
N ASN C 30 32.83 0.39 2.44
CA ASN C 30 31.70 -0.34 3.03
C ASN C 30 30.39 0.36 2.67
N TYR C 31 30.42 1.40 1.83
CA TYR C 31 29.23 1.91 1.15
C TYR C 31 29.03 1.22 -0.18
N ASP C 32 27.79 1.27 -0.67
CA ASP C 32 27.48 0.85 -2.03
C ASP C 32 27.80 1.98 -3.01
N MET C 33 27.59 1.69 -4.29
CA MET C 33 27.78 2.68 -5.35
C MET C 33 26.79 2.42 -6.48
N ASN C 34 26.37 3.49 -7.15
CA ASN C 34 25.40 3.40 -8.23
C ASN C 34 25.80 4.37 -9.34
N TRP C 35 25.39 4.03 -10.56
CA TRP C 35 25.67 4.83 -11.74
C TRP C 35 24.36 5.32 -12.35
N VAL C 36 24.28 6.63 -12.58
CA VAL C 36 23.10 7.24 -13.20
C VAL C 36 23.58 8.14 -14.33
N ARG C 37 22.89 8.09 -15.47
CA ARG C 37 23.25 8.86 -16.64
C ARG C 37 22.06 9.67 -17.12
N GLN C 38 22.35 10.73 -17.88
CA GLN C 38 21.33 11.50 -18.56
C GLN C 38 21.83 11.89 -19.94
N ALA C 39 20.93 11.89 -20.91
CA ALA C 39 21.23 12.37 -22.25
C ALA C 39 21.06 13.89 -22.32
N PRO C 40 21.74 14.54 -23.27
CA PRO C 40 21.57 16.00 -23.39
C PRO C 40 20.11 16.37 -23.67
N GLY C 41 19.58 17.24 -22.82
CA GLY C 41 18.19 17.65 -22.94
C GLY C 41 17.17 16.60 -22.58
N LYS C 42 17.56 15.64 -21.73
CA LYS C 42 16.65 14.57 -21.33
C LYS C 42 16.64 14.39 -19.82
N GLY C 43 15.96 13.35 -19.34
CA GLY C 43 15.94 13.04 -17.93
C GLY C 43 17.01 12.04 -17.53
N LEU C 44 16.94 11.61 -16.28
CA LEU C 44 17.90 10.66 -15.71
C LEU C 44 17.41 9.24 -15.90
N GLU C 45 18.33 8.33 -16.19
CA GLU C 45 18.03 6.92 -16.38
C GLU C 45 19.03 6.09 -15.60
N TRP C 46 18.53 5.11 -14.85
CA TRP C 46 19.39 4.24 -14.06
C TRP C 46 20.24 3.35 -14.97
N VAL C 47 21.46 3.06 -14.53
CA VAL C 47 22.41 2.33 -15.35
C VAL C 47 22.87 1.05 -14.67
N SER C 48 23.53 1.18 -13.52
CA SER C 48 24.18 0.03 -12.91
C SER C 48 24.10 0.14 -11.39
N SER C 49 24.63 -0.88 -10.72
CA SER C 49 24.65 -0.94 -9.27
C SER C 49 25.74 -1.90 -8.82
N ILE C 50 26.17 -1.76 -7.57
CA ILE C 50 27.17 -2.65 -6.99
C ILE C 50 27.06 -2.57 -5.47
N SER C 51 27.22 -3.71 -4.80
CA SER C 51 27.17 -3.75 -3.35
C SER C 51 28.52 -3.35 -2.76
N SER C 52 28.52 -3.14 -1.45
CA SER C 52 29.76 -2.75 -0.77
C SER C 52 30.76 -3.90 -0.72
N SER C 53 30.28 -5.13 -0.68
CA SER C 53 31.14 -6.32 -0.63
C SER C 53 31.49 -6.84 -2.01
N SER C 54 31.01 -6.19 -3.07
CA SER C 54 31.28 -6.59 -4.46
C SER C 54 30.78 -8.00 -4.77
N THR C 55 29.76 -8.46 -4.04
CA THR C 55 29.22 -9.79 -4.29
C THR C 55 27.97 -9.74 -5.16
N TYR C 56 27.11 -8.75 -4.96
CA TYR C 56 25.86 -8.63 -5.70
C TYR C 56 25.93 -7.41 -6.61
N THR C 57 25.63 -7.62 -7.90
CA THR C 57 25.63 -6.54 -8.89
C THR C 57 24.38 -6.67 -9.75
N HIS C 58 23.71 -5.55 -9.98
CA HIS C 58 22.53 -5.50 -10.83
C HIS C 58 22.72 -4.48 -11.93
N TYR C 59 22.29 -4.84 -13.13
CA TYR C 59 22.39 -3.98 -14.31
C TYR C 59 21.00 -3.59 -14.80
N ALA C 60 20.99 -2.66 -15.74
CA ALA C 60 19.73 -2.17 -16.31
C ALA C 60 19.20 -3.17 -17.33
N ASP C 61 18.13 -2.79 -18.02
CA ASP C 61 17.49 -3.66 -19.00
C ASP C 61 17.99 -3.42 -20.43
N SER C 62 18.04 -2.16 -20.85
CA SER C 62 18.47 -1.85 -22.21
C SER C 62 19.96 -2.08 -22.42
N VAL C 63 20.73 -2.24 -21.36
CA VAL C 63 22.17 -2.44 -21.45
C VAL C 63 22.58 -3.75 -20.78
N LYS C 64 21.64 -4.66 -20.58
CA LYS C 64 21.92 -5.92 -19.91
C LYS C 64 22.91 -6.75 -20.71
N GLY C 65 23.90 -7.29 -20.02
CA GLY C 65 24.85 -8.20 -20.64
C GLY C 65 25.95 -7.55 -21.44
N ARG C 66 26.09 -6.22 -21.39
CA ARG C 66 27.13 -5.54 -22.13
C ARG C 66 28.03 -4.66 -21.27
N PHE C 67 27.66 -4.38 -20.03
CA PHE C 67 28.47 -3.54 -19.14
C PHE C 67 28.98 -4.37 -17.98
N THR C 68 30.13 -3.96 -17.44
CA THR C 68 30.73 -4.62 -16.30
C THR C 68 31.12 -3.57 -15.27
N ILE C 69 30.72 -3.78 -14.02
CA ILE C 69 30.99 -2.86 -12.93
C ILE C 69 31.95 -3.53 -11.95
N SER C 70 32.91 -2.76 -11.46
CA SER C 70 33.90 -3.28 -10.53
C SER C 70 34.36 -2.16 -9.61
N ARG C 71 34.93 -2.54 -8.47
CA ARG C 71 35.38 -1.59 -7.48
C ARG C 71 36.65 -2.10 -6.83
N ASP C 72 37.40 -1.17 -6.22
CA ASP C 72 38.62 -1.50 -5.48
C ASP C 72 38.55 -0.78 -4.14
N ASN C 73 38.30 -1.54 -3.07
CA ASN C 73 38.19 -0.94 -1.75
C ASN C 73 39.53 -0.47 -1.21
N ALA C 74 40.65 -0.97 -1.75
CA ALA C 74 41.96 -0.58 -1.26
C ALA C 74 42.27 0.87 -1.60
N LYS C 75 42.06 1.26 -2.85
CA LYS C 75 42.35 2.62 -3.32
C LYS C 75 41.12 3.51 -3.35
N ASN C 76 39.96 3.02 -2.91
CA ASN C 76 38.71 3.77 -2.95
C ASN C 76 38.39 4.25 -4.36
N SER C 77 38.30 3.30 -5.29
CA SER C 77 38.04 3.60 -6.69
C SER C 77 36.92 2.70 -7.21
N LEU C 78 36.20 3.21 -8.20
CA LEU C 78 35.08 2.49 -8.81
C LEU C 78 35.21 2.58 -10.32
N TYR C 79 34.89 1.48 -11.00
CA TYR C 79 35.06 1.37 -12.45
C TYR C 79 33.80 0.81 -13.09
N LEU C 80 33.66 1.08 -14.39
CA LEU C 80 32.57 0.57 -15.20
C LEU C 80 33.11 0.29 -16.59
N GLN C 81 33.33 -0.99 -16.90
CA GLN C 81 33.84 -1.41 -18.19
C GLN C 81 32.68 -1.45 -19.19
N MET C 82 32.75 -0.60 -20.21
CA MET C 82 31.74 -0.53 -21.25
C MET C 82 32.37 -0.82 -22.60
N ASN C 83 31.71 -1.67 -23.38
CA ASN C 83 32.21 -2.06 -24.69
C ASN C 83 31.02 -2.26 -25.64
N SER C 84 31.33 -2.34 -26.94
CA SER C 84 30.33 -2.48 -27.98
C SER C 84 29.32 -1.33 -27.92
N LEU C 85 29.84 -0.11 -27.87
CA LEU C 85 29.01 1.07 -27.69
C LEU C 85 28.20 1.37 -28.95
N ARG C 86 27.17 2.19 -28.78
CA ARG C 86 26.36 2.66 -29.90
C ARG C 86 26.30 4.18 -29.89
N ALA C 87 25.47 4.76 -30.75
CA ALA C 87 25.22 6.19 -30.68
C ALA C 87 24.23 6.54 -29.57
N GLU C 88 23.53 5.55 -29.04
CA GLU C 88 22.57 5.80 -27.97
C GLU C 88 23.27 6.13 -26.65
N ASP C 89 24.41 5.48 -26.39
CA ASP C 89 25.06 5.60 -25.10
C ASP C 89 25.75 6.94 -24.89
N THR C 90 25.84 7.78 -25.92
CA THR C 90 26.46 9.10 -25.77
C THR C 90 25.66 9.95 -24.79
N ALA C 91 26.19 10.15 -23.59
CA ALA C 91 25.47 10.84 -22.53
C ALA C 91 26.45 11.21 -21.42
N VAL C 92 25.93 11.88 -20.40
CA VAL C 92 26.70 12.28 -19.23
C VAL C 92 26.44 11.28 -18.11
N TYR C 93 27.52 10.81 -17.49
CA TYR C 93 27.45 9.77 -16.46
C TYR C 93 27.85 10.33 -15.10
N TYR C 94 27.02 10.09 -14.10
CA TYR C 94 27.32 10.43 -12.71
C TYR C 94 27.44 9.15 -11.89
N CYS C 95 28.35 9.14 -10.94
CA CYS C 95 28.45 8.07 -9.96
C CYS C 95 27.83 8.54 -8.66
N ALA C 96 26.85 7.79 -8.17
CA ALA C 96 26.02 8.20 -7.04
C ALA C 96 26.27 7.30 -5.84
N ARG C 97 26.43 7.92 -4.67
CA ARG C 97 26.65 7.18 -3.44
C ARG C 97 25.29 6.76 -2.87
N ASP C 98 25.28 6.31 -1.62
CA ASP C 98 24.05 5.90 -0.95
C ASP C 98 23.99 6.53 0.44
N ARG C 99 22.76 6.70 0.94
CA ARG C 99 22.56 7.47 2.15
C ARG C 99 23.07 6.73 3.38
N ALA C 100 22.76 5.44 3.50
CA ALA C 100 22.92 4.75 4.78
C ALA C 100 23.55 3.37 4.56
N TYR C 101 24.02 2.81 5.67
CA TYR C 101 24.80 1.58 5.69
C TYR C 101 23.88 0.35 5.65
N ARG C 102 24.51 -0.82 5.71
CA ARG C 102 23.85 -2.05 6.16
C ARG C 102 24.95 -3.07 6.43
N LEU C 103 25.04 -3.54 7.68
CA LEU C 103 26.13 -4.43 8.05
C LEU C 103 26.06 -5.75 7.31
N GLY C 104 24.86 -6.30 7.14
CA GLY C 104 24.70 -7.58 6.47
C GLY C 104 24.41 -7.45 4.99
N GLU C 105 25.38 -7.87 4.16
CA GLU C 105 25.23 -7.84 2.72
C GLU C 105 24.33 -9.01 2.30
N LEU C 106 23.04 -8.85 2.54
CA LEU C 106 22.06 -9.89 2.29
C LEU C 106 21.41 -9.69 0.92
N SER C 107 21.05 -10.81 0.28
CA SER C 107 20.41 -10.76 -1.02
C SER C 107 19.03 -10.13 -0.92
N SER C 108 18.69 -9.30 -1.91
CA SER C 108 17.40 -8.63 -2.00
C SER C 108 17.10 -7.76 -0.78
N LEU C 109 18.16 -7.23 -0.15
CA LEU C 109 17.99 -6.33 0.97
C LEU C 109 18.91 -5.12 0.94
N TRP C 110 19.80 -5.01 -0.04
CA TRP C 110 20.71 -3.89 -0.15
C TRP C 110 20.21 -2.91 -1.21
N GLY C 111 20.85 -1.75 -1.25
CA GLY C 111 20.54 -0.76 -2.27
C GLY C 111 19.12 -0.21 -2.22
N ASP C 112 18.63 0.09 -1.02
CA ASP C 112 17.32 0.71 -0.85
C ASP C 112 17.44 2.16 -0.38
N ASP C 113 18.53 2.82 -0.76
CA ASP C 113 18.83 4.17 -0.30
C ASP C 113 18.36 5.19 -1.34
N ALA C 114 18.74 6.46 -1.15
CA ALA C 114 18.18 7.55 -1.95
C ALA C 114 19.27 8.41 -2.58
N PHE C 115 20.47 7.86 -2.79
CA PHE C 115 21.54 8.53 -3.53
C PHE C 115 21.90 9.87 -2.89
N ASP C 116 22.46 9.80 -1.68
CA ASP C 116 22.62 11.00 -0.85
C ASP C 116 23.51 12.04 -1.51
N ILE C 117 24.61 11.63 -2.12
CA ILE C 117 25.56 12.57 -2.73
C ILE C 117 25.95 12.07 -4.11
N TRP C 118 26.13 13.00 -5.05
CA TRP C 118 26.43 12.70 -6.43
C TRP C 118 27.82 13.23 -6.79
N GLY C 119 28.18 13.10 -8.08
CA GLY C 119 29.43 13.60 -8.59
C GLY C 119 29.25 14.86 -9.41
N GLN C 120 30.23 15.11 -10.29
CA GLN C 120 30.16 16.26 -11.19
C GLN C 120 29.92 15.86 -12.64
N GLY C 121 30.06 14.58 -12.98
CA GLY C 121 29.76 14.10 -14.32
C GLY C 121 30.94 14.18 -15.27
N THR C 122 30.75 13.58 -16.44
CA THR C 122 31.75 13.54 -17.48
C THR C 122 31.06 13.84 -18.82
N MET C 123 31.76 13.61 -19.92
CA MET C 123 31.27 13.94 -21.24
C MET C 123 31.51 12.76 -22.20
N VAL C 124 31.05 11.58 -21.79
CA VAL C 124 31.15 10.40 -22.64
C VAL C 124 30.45 10.65 -23.97
N THR C 125 31.15 10.37 -25.06
CA THR C 125 30.59 10.55 -26.40
C THR C 125 30.44 9.21 -27.11
N TYR D 28 -42.64 6.64 -8.46
CA TYR D 28 -43.91 6.27 -7.83
C TYR D 28 -43.67 5.52 -6.53
N THR D 29 -44.73 5.28 -5.77
CA THR D 29 -44.62 4.60 -4.48
C THR D 29 -45.71 3.53 -4.38
N ASN D 30 -45.46 2.56 -3.51
CA ASN D 30 -46.36 1.42 -3.35
C ASN D 30 -46.05 0.78 -1.99
N SER D 31 -46.96 -0.07 -1.53
CA SER D 31 -46.85 -0.72 -0.24
C SER D 31 -47.02 -2.23 -0.39
N PHE D 32 -46.31 -2.98 0.45
CA PHE D 32 -46.20 -4.42 0.29
C PHE D 32 -46.37 -5.10 1.63
N THR D 33 -46.17 -6.43 1.66
CA THR D 33 -46.21 -7.19 2.90
C THR D 33 -45.18 -8.31 2.94
N ARG D 34 -44.17 -8.29 2.08
CA ARG D 34 -43.24 -9.40 1.90
C ARG D 34 -41.81 -8.95 2.17
N GLY D 35 -40.88 -9.89 2.10
CA GLY D 35 -39.46 -9.60 2.21
C GLY D 35 -38.71 -10.25 3.38
N VAL D 36 -39.11 -11.44 3.81
CA VAL D 36 -38.48 -12.13 4.93
C VAL D 36 -37.56 -13.23 4.40
N TYR D 37 -36.35 -13.30 4.94
CA TYR D 37 -35.34 -14.25 4.52
C TYR D 37 -34.74 -14.98 5.72
N TYR D 38 -34.03 -16.06 5.43
CA TYR D 38 -33.41 -16.86 6.49
C TYR D 38 -32.28 -16.07 7.13
N PRO D 39 -32.27 -15.91 8.47
CA PRO D 39 -31.37 -14.94 9.10
C PRO D 39 -29.89 -15.28 9.02
N ASP D 40 -29.37 -15.46 7.80
CA ASP D 40 -27.93 -15.52 7.52
C ASP D 40 -27.24 -16.72 8.16
N LYS D 41 -27.97 -17.61 8.83
CA LYS D 41 -27.38 -18.77 9.47
C LYS D 41 -28.13 -20.02 9.04
N VAL D 42 -27.46 -21.17 9.11
CA VAL D 42 -27.88 -22.37 8.39
C VAL D 42 -28.33 -23.48 9.34
N PHE D 43 -28.83 -23.12 10.52
CA PHE D 43 -29.38 -24.13 11.41
C PHE D 43 -30.74 -24.60 10.88
N ARG D 44 -31.20 -25.74 11.40
CA ARG D 44 -32.48 -26.28 11.00
C ARG D 44 -33.43 -26.33 12.19
N SER D 45 -34.67 -25.96 11.95
CA SER D 45 -35.70 -25.99 13.00
C SER D 45 -37.06 -26.38 12.42
N HIS D 49 -38.93 -19.05 16.32
CA HIS D 49 -37.68 -18.46 16.79
C HIS D 49 -37.65 -16.97 16.48
N SER D 50 -36.94 -16.20 17.30
CA SER D 50 -36.87 -14.76 17.17
C SER D 50 -35.42 -14.35 16.87
N THR D 51 -35.25 -13.48 15.88
CA THR D 51 -33.94 -13.03 15.46
C THR D 51 -33.91 -11.51 15.36
N GLN D 52 -32.75 -10.92 15.63
CA GLN D 52 -32.56 -9.48 15.52
C GLN D 52 -31.47 -9.21 14.50
N ASP D 53 -31.90 -9.09 13.23
CA ASP D 53 -30.99 -8.88 12.12
C ASP D 53 -31.56 -7.80 11.22
N LEU D 54 -30.90 -7.58 10.08
CA LEU D 54 -31.36 -6.60 9.09
C LEU D 54 -32.53 -7.21 8.32
N PHE D 55 -33.69 -6.57 8.41
CA PHE D 55 -34.90 -7.05 7.75
C PHE D 55 -35.56 -5.90 7.01
N LEU D 56 -36.77 -6.17 6.51
CA LEU D 56 -37.56 -5.18 5.80
C LEU D 56 -38.88 -4.96 6.51
N PRO D 57 -39.21 -3.75 6.94
CA PRO D 57 -40.52 -3.52 7.58
C PRO D 57 -41.65 -3.88 6.63
N PHE D 58 -42.70 -4.46 7.21
CA PHE D 58 -43.77 -5.05 6.41
C PHE D 58 -44.51 -4.04 5.55
N PHE D 59 -45.17 -3.06 6.17
CA PHE D 59 -45.99 -2.10 5.43
C PHE D 59 -45.17 -0.83 5.19
N SER D 60 -44.11 -0.98 4.41
CA SER D 60 -43.22 0.11 4.05
C SER D 60 -43.58 0.65 2.66
N ASN D 61 -43.00 1.80 2.33
CA ASN D 61 -43.21 2.41 1.02
C ASN D 61 -42.09 1.96 0.08
N VAL D 62 -42.46 1.26 -0.99
CA VAL D 62 -41.51 0.80 -1.99
C VAL D 62 -41.56 1.74 -3.19
N THR D 63 -40.38 2.11 -3.68
CA THR D 63 -40.25 3.06 -4.78
C THR D 63 -40.53 2.33 -6.09
N TRP D 64 -41.76 2.43 -6.57
CA TRP D 64 -42.12 1.90 -7.88
C TRP D 64 -41.25 2.58 -8.95
N PHE D 65 -40.76 1.79 -9.90
CA PHE D 65 -39.91 2.29 -10.96
C PHE D 65 -40.40 1.77 -12.30
N HIS D 66 -39.73 2.20 -13.37
CA HIS D 66 -40.13 1.82 -14.71
C HIS D 66 -38.93 1.82 -15.66
N ASN D 81 -33.40 4.16 -15.40
CA ASN D 81 -32.54 3.44 -14.48
C ASN D 81 -31.57 4.38 -13.76
N PRO D 82 -32.08 5.11 -12.77
CA PRO D 82 -31.24 6.04 -12.02
C PRO D 82 -30.32 5.29 -11.06
N VAL D 83 -29.23 5.96 -10.72
CA VAL D 83 -28.19 5.38 -9.86
C VAL D 83 -28.65 5.57 -8.41
N LEU D 84 -29.37 4.57 -7.91
CA LEU D 84 -29.95 4.60 -6.58
C LEU D 84 -28.91 4.34 -5.51
N PRO D 85 -29.09 4.87 -4.30
CA PRO D 85 -28.16 4.58 -3.22
C PRO D 85 -28.43 3.22 -2.59
N PHE D 86 -27.41 2.68 -1.93
CA PHE D 86 -27.47 1.34 -1.38
C PHE D 86 -27.90 1.29 0.07
N ASN D 87 -27.52 2.28 0.88
CA ASN D 87 -27.82 2.33 2.31
C ASN D 87 -27.22 1.08 2.96
N ASP D 88 -28.02 0.22 3.60
CA ASP D 88 -27.49 -0.97 4.26
C ASP D 88 -27.96 -2.27 3.61
N GLY D 89 -28.99 -2.23 2.78
CA GLY D 89 -29.49 -3.44 2.14
C GLY D 89 -30.73 -3.11 1.34
N VAL D 90 -30.81 -3.71 0.16
CA VAL D 90 -31.87 -3.41 -0.79
C VAL D 90 -32.68 -4.67 -1.06
N TYR D 91 -33.99 -4.48 -1.17
CA TYR D 91 -34.91 -5.54 -1.56
C TYR D 91 -35.29 -5.32 -3.01
N PHE D 92 -34.70 -6.10 -3.91
CA PHE D 92 -34.88 -5.92 -5.34
C PHE D 92 -35.84 -6.99 -5.86
N ALA D 93 -36.90 -6.54 -6.51
CA ALA D 93 -37.89 -7.44 -7.11
C ALA D 93 -38.18 -6.98 -8.52
N SER D 94 -38.56 -7.93 -9.37
CA SER D 94 -38.84 -7.62 -10.77
C SER D 94 -39.91 -8.56 -11.29
N THR D 95 -40.60 -8.12 -12.33
CA THR D 95 -41.65 -8.93 -12.96
C THR D 95 -41.36 -9.13 -14.44
N ARG D 102 -30.95 -7.20 -16.60
CA ARG D 102 -30.41 -8.54 -16.38
C ARG D 102 -29.05 -8.48 -15.71
N GLY D 103 -28.82 -7.43 -14.94
CA GLY D 103 -27.56 -7.27 -14.24
C GLY D 103 -27.62 -6.07 -13.32
N TRP D 104 -26.57 -5.94 -12.51
CA TRP D 104 -26.45 -4.83 -11.57
C TRP D 104 -25.00 -4.41 -11.47
N ILE D 105 -24.80 -3.12 -11.17
CA ILE D 105 -23.45 -2.57 -11.00
C ILE D 105 -23.36 -2.05 -9.57
N PHE D 106 -22.47 -2.64 -8.79
CA PHE D 106 -22.28 -2.27 -7.39
C PHE D 106 -20.91 -1.62 -7.21
N GLY D 107 -20.89 -0.50 -6.50
CA GLY D 107 -19.66 0.21 -6.28
C GLY D 107 -19.91 1.54 -5.59
N THR D 108 -18.81 2.23 -5.29
CA THR D 108 -18.86 3.51 -4.61
C THR D 108 -18.83 4.68 -5.59
N THR D 109 -17.84 4.71 -6.48
CA THR D 109 -17.68 5.79 -7.44
C THR D 109 -17.96 5.38 -8.87
N LEU D 110 -18.07 4.09 -9.16
CA LEU D 110 -18.25 3.58 -10.52
C LEU D 110 -17.15 4.09 -11.44
N ASP D 111 -15.93 4.17 -10.92
CA ASP D 111 -14.77 4.67 -11.64
C ASP D 111 -13.57 3.78 -11.31
N SER D 112 -12.47 3.98 -12.04
CA SER D 112 -11.26 3.22 -11.81
C SER D 112 -10.60 3.52 -10.48
N LYS D 113 -11.01 4.60 -9.80
CA LYS D 113 -10.42 4.93 -8.50
C LYS D 113 -10.74 3.86 -7.46
N THR D 114 -11.96 3.35 -7.44
CA THR D 114 -12.39 2.36 -6.46
C THR D 114 -12.96 1.14 -7.16
N GLN D 115 -12.78 -0.02 -6.52
CA GLN D 115 -13.28 -1.27 -7.07
C GLN D 115 -14.81 -1.26 -7.11
N SER D 116 -15.34 -1.85 -8.18
CA SER D 116 -16.79 -1.94 -8.38
C SER D 116 -17.18 -3.35 -8.74
N LEU D 117 -18.24 -3.85 -8.12
CA LEU D 117 -18.71 -5.21 -8.36
C LEU D 117 -19.72 -5.22 -9.51
N LEU D 118 -19.69 -6.29 -10.29
CA LEU D 118 -20.56 -6.42 -11.46
C LEU D 118 -21.16 -7.82 -11.46
N ILE D 119 -22.49 -7.88 -11.60
CA ILE D 119 -23.22 -9.14 -11.75
C ILE D 119 -23.96 -9.09 -13.08
N VAL D 120 -23.76 -10.11 -13.90
CA VAL D 120 -24.40 -10.21 -15.21
C VAL D 120 -24.79 -11.66 -15.46
N ASN D 121 -25.93 -11.86 -16.11
CA ASN D 121 -26.45 -13.18 -16.42
C ASN D 121 -26.54 -13.35 -17.92
N ASN D 122 -25.90 -14.39 -18.44
CA ASN D 122 -26.05 -14.76 -19.85
C ASN D 122 -27.29 -15.62 -20.01
N ALA D 123 -27.52 -16.13 -21.23
CA ALA D 123 -28.64 -17.02 -21.46
C ALA D 123 -28.43 -18.39 -20.83
N THR D 124 -27.18 -18.79 -20.56
CA THR D 124 -26.88 -20.08 -19.96
C THR D 124 -25.86 -20.02 -18.83
N ASN D 125 -25.30 -18.85 -18.53
CA ASN D 125 -24.23 -18.76 -17.54
C ASN D 125 -24.33 -17.43 -16.81
N VAL D 126 -23.78 -17.40 -15.60
CA VAL D 126 -23.72 -16.18 -14.79
C VAL D 126 -22.25 -15.86 -14.50
N VAL D 127 -21.90 -14.58 -14.58
CA VAL D 127 -20.54 -14.11 -14.38
C VAL D 127 -20.56 -13.02 -13.32
N ILE D 128 -19.69 -13.16 -12.31
CA ILE D 128 -19.55 -12.16 -11.25
C ILE D 128 -18.10 -11.74 -11.20
N LYS D 129 -17.84 -10.46 -11.47
CA LYS D 129 -16.51 -9.90 -11.40
C LYS D 129 -16.55 -8.57 -10.67
N VAL D 130 -15.47 -8.27 -9.95
CA VAL D 130 -15.32 -7.01 -9.21
C VAL D 130 -14.00 -6.38 -9.62
N CYS D 131 -14.04 -5.54 -10.66
CA CYS D 131 -12.86 -4.92 -11.23
C CYS D 131 -13.00 -3.41 -11.24
N GLU D 132 -11.92 -2.74 -11.64
CA GLU D 132 -11.90 -1.27 -11.74
C GLU D 132 -12.50 -0.86 -13.08
N PHE D 133 -13.82 -0.93 -13.16
CA PHE D 133 -14.52 -0.59 -14.38
C PHE D 133 -14.66 0.92 -14.53
N GLN D 134 -14.97 1.35 -15.75
CA GLN D 134 -15.24 2.75 -16.03
C GLN D 134 -16.67 2.96 -16.48
N TYR D 160 -18.46 -3.44 -20.22
CA TYR D 160 -17.28 -2.86 -19.57
C TYR D 160 -16.39 -2.17 -20.59
N SER D 161 -16.09 -0.90 -20.35
CA SER D 161 -15.21 -0.15 -21.26
C SER D 161 -13.76 -0.57 -21.09
N SER D 162 -13.32 -0.75 -19.84
CA SER D 162 -11.94 -1.11 -19.54
C SER D 162 -11.91 -1.93 -18.25
N ALA D 163 -11.48 -3.18 -18.35
CA ALA D 163 -11.38 -4.09 -17.21
C ALA D 163 -9.91 -4.30 -16.89
N ASN D 164 -9.55 -4.14 -15.61
CA ASN D 164 -8.16 -4.25 -15.21
C ASN D 164 -8.07 -4.94 -13.86
N ASN D 165 -6.96 -5.66 -13.66
CA ASN D 165 -6.57 -6.19 -12.36
C ASN D 165 -7.59 -7.15 -11.77
N CYS D 166 -8.16 -6.77 -10.62
CA CYS D 166 -9.22 -7.46 -9.88
C CYS D 166 -8.89 -8.91 -9.50
N THR D 167 -9.47 -9.36 -8.38
CA THR D 167 -9.05 -10.59 -7.73
C THR D 167 -10.10 -11.70 -7.80
N PHE D 168 -11.36 -11.39 -8.08
CA PHE D 168 -12.41 -12.39 -7.93
C PHE D 168 -13.23 -12.56 -9.20
N GLU D 169 -13.42 -13.82 -9.62
CA GLU D 169 -14.31 -14.17 -10.72
C GLU D 169 -15.10 -15.41 -10.32
N TYR D 170 -16.39 -15.42 -10.64
CA TYR D 170 -17.29 -16.50 -10.24
C TYR D 170 -18.14 -16.89 -11.44
N VAL D 171 -18.38 -18.20 -11.59
CA VAL D 171 -19.16 -18.74 -12.70
C VAL D 171 -20.02 -19.86 -12.16
N SER D 172 -21.31 -19.86 -12.51
CA SER D 172 -22.24 -20.89 -12.06
C SER D 172 -23.47 -20.87 -12.95
N GLN D 173 -24.50 -21.63 -12.56
CA GLN D 173 -25.74 -21.65 -13.30
C GLN D 173 -26.48 -20.33 -13.09
N PRO D 174 -27.03 -19.75 -14.16
CA PRO D 174 -27.57 -18.37 -14.06
C PRO D 174 -28.78 -18.28 -13.16
N PHE D 175 -28.94 -17.10 -12.57
CA PHE D 175 -29.99 -16.85 -11.58
C PHE D 175 -31.39 -17.06 -12.17
N LEU D 189 -42.13 -13.55 -11.23
CA LEU D 189 -41.73 -12.61 -10.19
C LEU D 189 -40.38 -13.01 -9.59
N ARG D 190 -39.32 -12.35 -10.04
CA ARG D 190 -37.97 -12.59 -9.53
C ARG D 190 -37.65 -11.50 -8.52
N GLU D 191 -37.25 -11.91 -7.32
CA GLU D 191 -36.92 -10.98 -6.25
C GLU D 191 -35.63 -11.38 -5.58
N PHE D 192 -34.90 -10.39 -5.06
CA PHE D 192 -33.58 -10.62 -4.47
C PHE D 192 -33.43 -9.78 -3.21
N VAL D 193 -32.42 -10.14 -2.41
CA VAL D 193 -32.04 -9.38 -1.23
C VAL D 193 -30.51 -9.33 -1.17
N PHE D 194 -29.96 -8.12 -1.20
CA PHE D 194 -28.51 -7.93 -1.18
C PHE D 194 -28.11 -7.27 0.14
N LYS D 195 -27.04 -7.78 0.75
CA LYS D 195 -26.49 -7.19 1.96
C LYS D 195 -24.98 -7.36 1.97
N ASN D 196 -24.29 -6.35 2.50
CA ASN D 196 -22.82 -6.34 2.56
C ASN D 196 -22.41 -6.10 4.01
N ILE D 197 -21.93 -7.15 4.68
CA ILE D 197 -21.52 -7.07 6.07
C ILE D 197 -20.29 -7.94 6.29
N ASP D 198 -19.39 -7.48 7.16
CA ASP D 198 -18.21 -8.24 7.57
C ASP D 198 -17.36 -8.65 6.36
N GLY D 199 -17.27 -7.75 5.39
CA GLY D 199 -16.52 -8.04 4.18
C GLY D 199 -17.10 -9.14 3.33
N TYR D 200 -18.32 -9.58 3.59
CA TYR D 200 -18.97 -10.64 2.82
C TYR D 200 -20.12 -10.06 2.02
N PHE D 201 -20.44 -10.70 0.90
CA PHE D 201 -21.54 -10.30 0.05
C PHE D 201 -22.49 -11.48 -0.08
N LYS D 202 -23.75 -11.27 0.28
CA LYS D 202 -24.73 -12.34 0.36
C LYS D 202 -25.94 -12.02 -0.51
N ILE D 203 -26.43 -13.03 -1.22
CA ILE D 203 -27.55 -12.88 -2.15
C ILE D 203 -28.60 -13.94 -1.84
N TYR D 204 -29.86 -13.53 -1.84
CA TYR D 204 -30.99 -14.42 -1.64
C TYR D 204 -31.98 -14.22 -2.78
N SER D 205 -32.72 -15.27 -3.12
CA SER D 205 -33.59 -15.22 -4.29
C SER D 205 -34.73 -16.21 -4.15
N LYS D 206 -35.76 -15.98 -4.96
CA LYS D 206 -36.92 -16.87 -5.04
C LYS D 206 -37.73 -16.58 -6.30
N SER D 221 -43.01 -16.47 1.28
CA SER D 221 -41.81 -16.11 0.54
C SER D 221 -40.61 -16.92 1.01
N ALA D 222 -39.93 -16.41 2.05
CA ALA D 222 -38.78 -17.07 2.66
C ALA D 222 -37.67 -17.29 1.63
N LEU D 223 -37.12 -16.16 1.17
CA LEU D 223 -36.07 -16.18 0.16
C LEU D 223 -34.87 -16.99 0.63
N GLU D 224 -34.62 -18.12 -0.03
CA GLU D 224 -33.56 -19.02 0.38
C GLU D 224 -32.19 -18.40 0.07
N PRO D 225 -31.15 -18.80 0.81
CA PRO D 225 -29.79 -18.35 0.46
C PRO D 225 -29.36 -18.90 -0.88
N LEU D 226 -28.64 -18.08 -1.65
CA LEU D 226 -28.25 -18.49 -3.00
C LEU D 226 -26.74 -18.64 -3.12
N VAL D 227 -25.99 -17.61 -2.72
CA VAL D 227 -24.54 -17.65 -2.83
C VAL D 227 -23.93 -16.63 -1.86
N ASP D 228 -22.74 -16.92 -1.37
CA ASP D 228 -21.99 -16.02 -0.52
C ASP D 228 -20.61 -15.77 -1.10
N LEU D 229 -20.18 -14.52 -1.10
CA LEU D 229 -18.93 -14.12 -1.75
C LEU D 229 -18.05 -13.36 -0.76
N PRO D 230 -16.80 -13.76 -0.58
CA PRO D 230 -15.86 -12.97 0.26
C PRO D 230 -15.21 -11.83 -0.52
N ILE D 231 -16.03 -10.91 -1.00
CA ILE D 231 -15.53 -9.82 -1.84
C ILE D 231 -14.66 -8.87 -1.02
N GLY D 232 -15.13 -8.48 0.16
CA GLY D 232 -14.36 -7.58 1.02
C GLY D 232 -14.16 -6.18 0.48
N ILE D 233 -15.21 -5.57 -0.07
CA ILE D 233 -15.16 -4.19 -0.53
C ILE D 233 -16.35 -3.44 0.04
N ASN D 234 -16.27 -2.11 -0.03
CA ASN D 234 -17.37 -1.26 0.41
C ASN D 234 -18.25 -0.87 -0.76
N ILE D 235 -19.55 -0.78 -0.52
CA ILE D 235 -20.54 -0.45 -1.54
C ILE D 235 -21.52 0.57 -0.95
N THR D 236 -21.85 1.60 -1.72
CA THR D 236 -22.74 2.64 -1.22
C THR D 236 -23.80 3.04 -2.24
N ARG D 237 -23.67 2.56 -3.48
CA ARG D 237 -24.56 2.98 -4.55
C ARG D 237 -24.60 1.91 -5.63
N PHE D 238 -25.70 1.87 -6.38
CA PHE D 238 -25.84 0.87 -7.43
C PHE D 238 -26.71 1.41 -8.55
N GLN D 239 -26.82 0.60 -9.61
CA GLN D 239 -27.65 0.91 -10.77
C GLN D 239 -28.13 -0.40 -11.38
N THR D 240 -29.34 -0.37 -11.94
CA THR D 240 -29.98 -1.56 -12.51
C THR D 240 -29.89 -1.51 -14.02
N LEU D 241 -29.44 -2.59 -14.64
CA LEU D 241 -29.34 -2.68 -16.09
C LEU D 241 -30.72 -2.92 -16.71
N TYR D 262 -39.43 -2.56 -11.98
CA TYR D 262 -38.89 -3.28 -10.84
C TYR D 262 -38.98 -2.45 -9.56
N TYR D 263 -39.28 -3.12 -8.45
CA TYR D 263 -39.52 -2.47 -7.17
C TYR D 263 -38.26 -2.56 -6.31
N VAL D 264 -37.89 -1.45 -5.68
CA VAL D 264 -36.69 -1.37 -4.86
C VAL D 264 -37.09 -0.94 -3.46
N GLY D 265 -36.71 -1.74 -2.46
CA GLY D 265 -36.92 -1.40 -1.08
C GLY D 265 -35.59 -1.24 -0.36
N TYR D 266 -35.67 -0.88 0.92
CA TYR D 266 -34.47 -0.65 1.72
C TYR D 266 -34.59 -1.41 3.05
N LEU D 267 -33.53 -2.12 3.41
CA LEU D 267 -33.53 -2.94 4.61
C LEU D 267 -33.30 -2.09 5.86
N GLN D 268 -33.88 -2.53 6.97
CA GLN D 268 -33.78 -1.82 8.24
C GLN D 268 -33.46 -2.81 9.36
N PRO D 269 -32.76 -2.37 10.40
CA PRO D 269 -32.44 -3.28 11.51
C PRO D 269 -33.59 -3.39 12.52
N ARG D 270 -34.60 -4.19 12.19
CA ARG D 270 -35.72 -4.43 13.08
C ARG D 270 -35.86 -5.93 13.33
N THR D 271 -36.12 -6.28 14.59
CA THR D 271 -36.17 -7.67 14.98
C THR D 271 -37.53 -8.29 14.64
N PHE D 272 -37.48 -9.53 14.14
CA PHE D 272 -38.67 -10.25 13.74
C PHE D 272 -38.83 -11.52 14.56
N LEU D 273 -40.01 -12.10 14.48
CA LEU D 273 -40.29 -13.43 15.01
C LEU D 273 -40.65 -14.34 13.85
N LEU D 274 -39.91 -15.44 13.71
CA LEU D 274 -40.05 -16.32 12.56
C LEU D 274 -40.63 -17.66 13.01
N LYS D 275 -41.71 -18.07 12.38
CA LYS D 275 -42.38 -19.34 12.69
C LYS D 275 -42.01 -20.34 11.59
N TYR D 276 -41.09 -21.24 11.89
CA TYR D 276 -40.70 -22.29 10.96
C TYR D 276 -41.84 -23.30 10.81
N ASN D 277 -41.72 -24.15 9.80
CA ASN D 277 -42.75 -25.11 9.43
C ASN D 277 -42.20 -26.53 9.46
N GLU D 278 -41.48 -26.85 10.54
CA GLU D 278 -41.01 -28.18 10.95
C GLU D 278 -40.10 -28.83 9.90
N ASN D 279 -39.87 -28.15 8.79
CA ASN D 279 -38.88 -28.55 7.80
C ASN D 279 -38.20 -27.31 7.23
N GLY D 280 -37.86 -26.37 8.10
CA GLY D 280 -37.51 -25.04 7.63
C GLY D 280 -38.73 -24.38 7.02
N THR D 281 -38.57 -23.87 5.79
CA THR D 281 -39.68 -23.31 5.01
C THR D 281 -40.48 -22.30 5.82
N ILE D 282 -39.80 -21.19 6.13
CA ILE D 282 -40.39 -20.08 6.88
C ILE D 282 -41.66 -19.61 6.18
N THR D 283 -42.75 -19.50 6.93
CA THR D 283 -44.05 -19.12 6.36
C THR D 283 -44.53 -17.76 6.86
N ASP D 284 -44.61 -17.58 8.18
CA ASP D 284 -45.16 -16.37 8.77
C ASP D 284 -44.09 -15.64 9.57
N ALA D 285 -44.14 -14.31 9.50
CA ALA D 285 -43.22 -13.45 10.22
C ALA D 285 -44.01 -12.38 10.95
N VAL D 286 -43.47 -11.96 12.10
CA VAL D 286 -44.11 -10.95 12.94
C VAL D 286 -43.09 -9.86 13.22
N ASP D 287 -43.50 -8.60 13.06
CA ASP D 287 -42.61 -7.47 13.31
C ASP D 287 -42.19 -7.41 14.76
C1 NAG E . -3.25 -3.47 -13.03
C2 NAG E . -2.80 -2.30 -12.17
C3 NAG E . -1.27 -2.15 -12.21
C4 NAG E . -0.72 -2.35 -13.62
C5 NAG E . -1.22 -3.65 -14.23
C6 NAG E . -0.13 -4.65 -14.49
C7 NAG E . -4.08 -0.23 -11.79
C8 NAG E . -4.13 -0.63 -10.34
N2 NAG E . -3.43 -1.07 -12.61
O3 NAG E . -0.69 -3.11 -11.32
O4 NAG E . -1.08 -1.24 -14.43
O5 NAG E . -2.14 -4.29 -13.34
O6 NAG E . 0.63 -4.91 -13.31
O7 NAG E . -4.61 0.80 -12.19
C1 NAG E . -0.51 -1.29 -15.76
C2 NAG E . -0.36 0.14 -16.28
C3 NAG E . 0.26 0.13 -17.69
C4 NAG E . 1.51 -0.72 -17.74
C5 NAG E . 1.26 -2.10 -17.12
C6 NAG E . 2.52 -2.94 -17.02
C7 NAG E . -2.13 1.44 -15.20
C8 NAG E . -3.46 2.11 -15.37
N2 NAG E . -1.62 0.84 -16.28
O3 NAG E . 0.55 1.47 -18.08
O4 NAG E . 1.90 -0.88 -19.10
O5 NAG E . 0.76 -1.96 -15.79
O6 NAG E . 2.41 -4.13 -17.79
O7 NAG E . -1.55 1.43 -14.12
C1 BMA E . 3.25 -0.42 -19.31
C2 BMA E . 3.97 -1.50 -20.16
C3 BMA E . 5.33 -1.00 -20.66
C4 BMA E . 5.22 0.41 -21.27
C5 BMA E . 4.58 1.35 -20.25
C6 BMA E . 4.44 2.77 -20.76
O2 BMA E . 3.21 -1.83 -21.31
O3 BMA E . 5.90 -1.90 -21.60
O4 BMA E . 6.50 0.89 -21.63
O5 BMA E . 3.26 0.85 -19.95
O6 BMA E . 5.68 3.15 -21.35
#